data_6FBD
#
_entry.id   6FBD
#
_cell.length_a   109.964
_cell.length_b   109.964
_cell.length_c   91.165
_cell.angle_alpha   90.00
_cell.angle_beta   90.00
_cell.angle_gamma   120.00
#
_symmetry.space_group_name_H-M   'P 31 2 1'
#
loop_
_entity.id
_entity.type
_entity.pdbx_description
1 polymer 'DNA polymerase I, thermostable'
2 polymer "DNA (5'-D(*GP*AP*CP*CP*AP*CP*GP*GP*CP*AP*(OH3)P*C)-3')"
3 polymer "DNA (5'-D(P*AP*AP*AP*CP*GP*GP*TP*GP*CP*CP*GP*TP*GP*GP*TP*C)-3')"
4 non-polymer 'MANGANESE (II) ION'
5 non-polymer "2'-deoxy-5'-O-[(R)-hydroxy{[(R)-hydroxy(phosphonooxy)phosphoryl]amino}phosphoryl]guanosine"
6 non-polymer 'MAGNESIUM ION'
7 non-polymer GLYCEROL
8 water water
#
loop_
_entity_poly.entity_id
_entity_poly.type
_entity_poly.pdbx_seq_one_letter_code
_entity_poly.pdbx_strand_id
1 'polypeptide(L)'
;MALEEAPWPPPEGAFVGFVLSRKEPMWADLLALAAARGGRVHRAPEPYKALRDLKEARGLLAKDLSVLALREGLGLPPGD
DPMLLAYLLDPSNTTPEGVARRYGGEWTEEAGERAALSERLFANLWGRLEGEERLLWLYREVERPLSAVLAHMEATGVRL
DVAYLRALSLEVAEEIARLEAEVFRLAGHPFNLNSRDQLERVLFDELGLPAIGKTEKTGKRSTSAAVLEALREAHPIVEK
ILQYRELTKLKSTYIDPLPDLIHPRTGRLHTRFNQTATATGRLSSSDPNLQNIPVRTPLGQRIRRAFIAEEGWLLVALDY
SQIELRVLAHLSGDENLIRVFQEGRDIHTETASWMFGVPREAVDPLMRRAAKTINFGVLYGMSAHRLSQELAIPYEEAQA
FIERYFQSFPKVRAWIEKTLEEGRRRGYVETLFGRRRYVPDLEARVKSVREAAERMAFNMPVQGTAADLMKLAMVKLFPR
LEEMGARMLLQVHDELVLEAPKERAEAVARLAKEVMEGVYPLAVPLEVEVGIGEDWLSAKE
;
A
2 'polydeoxyribonucleotide' (DG)(DA)(DC)(DC)(DA)(DC)(DG)(DG)(DC)(DA)(D4B)(DC) B
3 'polydeoxyribonucleotide' (DA)(DA)(DA)(DC)(DG)(DG)(DT)(DG)(DC)(DC)(DG)(DT)(DG)(DG)(DT)(DC) C
#
# COMPACT_ATOMS: atom_id res chain seq x y z
N LEU A 3 4.79 31.11 -22.75
CA LEU A 3 6.17 31.25 -23.21
C LEU A 3 6.22 31.44 -24.72
N GLU A 4 7.41 31.67 -25.25
CA GLU A 4 7.60 31.82 -26.69
C GLU A 4 7.76 30.44 -27.32
N GLU A 5 7.03 30.21 -28.41
CA GLU A 5 7.09 28.91 -29.09
C GLU A 5 8.47 28.71 -29.68
N ALA A 6 9.03 27.52 -29.47
CA ALA A 6 10.34 27.17 -29.98
C ALA A 6 10.30 25.82 -30.65
N PRO A 7 11.16 25.59 -31.65
CA PRO A 7 11.06 24.34 -32.42
C PRO A 7 11.56 23.14 -31.64
N TRP A 8 10.84 22.03 -31.79
CA TRP A 8 11.31 20.76 -31.26
C TRP A 8 12.62 20.38 -31.96
N PRO A 9 13.59 19.77 -31.25
CA PRO A 9 13.60 19.35 -29.85
C PRO A 9 13.97 20.44 -28.86
N PRO A 10 13.69 20.23 -27.58
CA PRO A 10 14.08 21.18 -26.56
C PRO A 10 15.52 20.92 -26.12
N PRO A 11 16.15 21.88 -25.44
CA PRO A 11 17.49 21.63 -24.90
C PRO A 11 17.43 20.66 -23.73
N GLU A 12 18.60 20.07 -23.44
CA GLU A 12 18.68 19.13 -22.31
C GLU A 12 18.27 19.83 -21.02
N GLY A 13 17.69 19.06 -20.11
CA GLY A 13 17.25 19.58 -18.84
C GLY A 13 15.93 20.31 -18.86
N ALA A 14 15.23 20.34 -19.99
CA ALA A 14 13.94 21.01 -20.06
C ALA A 14 12.90 20.23 -19.27
N PHE A 15 11.87 20.94 -18.82
CA PHE A 15 10.75 20.32 -18.12
C PHE A 15 9.71 19.86 -19.12
N VAL A 16 9.18 18.67 -18.91
CA VAL A 16 8.30 18.02 -19.87
C VAL A 16 6.85 18.15 -19.44
N GLY A 17 5.97 18.20 -20.43
CA GLY A 17 4.55 18.06 -20.18
C GLY A 17 3.97 17.08 -21.19
N PHE A 18 2.92 16.38 -20.77
CA PHE A 18 2.36 15.33 -21.61
C PHE A 18 0.91 15.10 -21.22
N VAL A 19 0.11 14.69 -22.21
CA VAL A 19 -1.29 14.34 -22.02
C VAL A 19 -1.47 12.88 -22.41
N LEU A 20 -2.19 12.14 -21.57
CA LEU A 20 -2.49 10.73 -21.82
C LEU A 20 -3.98 10.57 -22.07
N SER A 21 -4.31 9.58 -22.90
CA SER A 21 -5.71 9.25 -23.15
C SER A 21 -6.39 8.66 -21.93
N ARG A 22 -5.61 8.18 -20.97
CA ARG A 22 -6.15 7.56 -19.76
C ARG A 22 -5.03 7.52 -18.72
N LYS A 23 -5.43 7.39 -17.46
CA LYS A 23 -4.49 7.56 -16.36
C LYS A 23 -3.40 6.49 -16.36
N GLU A 24 -3.70 5.30 -16.87
CA GLU A 24 -2.74 4.19 -16.82
C GLU A 24 -1.66 4.35 -17.88
N PRO A 25 -0.39 4.57 -17.50
CA PRO A 25 0.63 4.74 -18.54
C PRO A 25 0.81 3.53 -19.43
N MET A 26 0.70 2.32 -18.88
CA MET A 26 0.89 1.12 -19.70
C MET A 26 -0.21 0.96 -20.75
N TRP A 27 -1.38 1.56 -20.55
CA TRP A 27 -2.48 1.44 -21.48
C TRP A 27 -2.75 2.72 -22.26
N ALA A 28 -2.05 3.81 -21.96
CA ALA A 28 -2.42 5.10 -22.48
C ALA A 28 -1.87 5.32 -23.89
N ASP A 29 -2.62 6.08 -24.67
CA ASP A 29 -2.13 6.66 -25.92
C ASP A 29 -1.52 8.01 -25.59
N LEU A 30 -0.29 8.23 -26.05
CA LEU A 30 0.40 9.50 -25.80
C LEU A 30 -0.14 10.54 -26.79
N LEU A 31 -1.02 11.41 -26.30
CA LEU A 31 -1.70 12.35 -27.18
C LEU A 31 -0.82 13.53 -27.54
N ALA A 32 -0.13 14.11 -26.56
CA ALA A 32 0.66 15.31 -26.80
C ALA A 32 1.87 15.33 -25.88
N LEU A 33 2.96 15.92 -26.37
CA LEU A 33 4.21 16.00 -25.64
C LEU A 33 4.78 17.39 -25.85
N ALA A 34 5.22 18.02 -24.77
CA ALA A 34 5.76 19.37 -24.83
C ALA A 34 6.91 19.50 -23.85
N ALA A 35 7.65 20.59 -23.97
CA ALA A 35 8.78 20.86 -23.09
C ALA A 35 8.97 22.37 -22.96
N ALA A 36 9.60 22.78 -21.87
CA ALA A 36 9.79 24.19 -21.59
C ALA A 36 11.12 24.41 -20.89
N ARG A 37 11.83 25.46 -21.28
CA ARG A 37 13.08 25.85 -20.65
C ARG A 37 13.51 27.20 -21.20
N GLY A 38 14.13 28.01 -20.33
CA GLY A 38 14.71 29.27 -20.76
C GLY A 38 13.73 30.25 -21.37
N GLY A 39 12.49 30.28 -20.87
CA GLY A 39 11.48 31.15 -21.42
C GLY A 39 10.86 30.66 -22.70
N ARG A 40 11.20 29.46 -23.15
CA ARG A 40 10.66 28.88 -24.38
C ARG A 40 9.76 27.71 -24.05
N VAL A 41 8.90 27.37 -25.02
CA VAL A 41 8.06 26.18 -24.97
C VAL A 41 8.23 25.44 -26.28
N HIS A 42 8.33 24.12 -26.20
CA HIS A 42 8.52 23.26 -27.36
C HIS A 42 7.40 22.24 -27.42
N ARG A 43 6.61 22.28 -28.48
CA ARG A 43 5.51 21.34 -28.67
C ARG A 43 5.88 20.36 -29.78
N ALA A 44 5.79 19.07 -29.47
CA ALA A 44 6.23 18.03 -30.40
C ALA A 44 5.18 17.84 -31.49
N PRO A 45 5.59 17.75 -32.77
CA PRO A 45 4.59 17.48 -33.81
C PRO A 45 4.04 16.06 -33.73
N GLU A 46 4.87 15.08 -33.44
CA GLU A 46 4.43 13.70 -33.27
C GLU A 46 4.99 13.20 -31.94
N PRO A 47 4.16 13.04 -30.90
CA PRO A 47 4.72 12.78 -29.56
C PRO A 47 5.48 11.48 -29.46
N TYR A 48 5.01 10.40 -30.10
CA TYR A 48 5.69 9.12 -29.97
C TYR A 48 7.12 9.20 -30.48
N LYS A 49 7.30 9.75 -31.68
CA LYS A 49 8.65 9.93 -32.22
C LYS A 49 9.45 10.91 -31.37
N ALA A 50 8.79 11.93 -30.83
CA ALA A 50 9.48 12.95 -30.04
C ALA A 50 10.03 12.40 -28.73
N LEU A 51 9.46 11.31 -28.22
CA LEU A 51 10.01 10.68 -27.02
C LEU A 51 11.49 10.34 -27.19
N ARG A 52 11.88 9.90 -28.39
CA ARG A 52 13.26 9.52 -28.63
C ARG A 52 14.24 10.66 -28.41
N ASP A 53 13.77 11.91 -28.46
CA ASP A 53 14.66 13.05 -28.34
C ASP A 53 15.00 13.37 -26.88
N LEU A 54 14.20 12.91 -25.93
CA LEU A 54 14.41 13.22 -24.53
C LEU A 54 15.39 12.25 -23.90
N LYS A 55 16.26 12.76 -23.04
CA LYS A 55 17.16 11.93 -22.25
C LYS A 55 16.60 11.63 -20.87
N GLU A 56 15.54 12.31 -20.46
CA GLU A 56 15.06 12.22 -19.09
C GLU A 56 13.66 12.81 -19.03
N ALA A 57 12.78 12.20 -18.24
CA ALA A 57 11.45 12.73 -17.96
C ALA A 57 11.53 13.57 -16.69
N ARG A 58 11.60 14.88 -16.85
CA ARG A 58 11.71 15.81 -15.73
C ARG A 58 10.46 16.68 -15.72
N GLY A 59 9.61 16.49 -14.73
CA GLY A 59 8.40 17.28 -14.62
C GLY A 59 7.32 16.55 -13.84
N LEU A 60 6.13 17.15 -13.84
CA LEU A 60 5.00 16.60 -13.11
C LEU A 60 4.65 15.21 -13.63
N LEU A 61 4.46 14.28 -12.71
CA LEU A 61 4.11 12.90 -13.04
C LEU A 61 5.16 12.27 -13.96
N ALA A 62 6.43 12.53 -13.66
CA ALA A 62 7.51 12.04 -14.51
C ALA A 62 7.48 10.52 -14.64
N LYS A 63 7.20 9.82 -13.54
CA LYS A 63 7.21 8.36 -13.58
C LYS A 63 6.26 7.83 -14.64
N ASP A 64 5.05 8.40 -14.73
CA ASP A 64 4.08 7.94 -15.70
C ASP A 64 4.65 7.96 -17.11
N LEU A 65 5.23 9.09 -17.52
CA LEU A 65 5.80 9.17 -18.86
C LEU A 65 6.94 8.17 -19.03
N SER A 66 7.79 8.03 -18.02
CA SER A 66 8.88 7.07 -18.09
C SER A 66 8.35 5.65 -18.29
N VAL A 67 7.24 5.31 -17.64
CA VAL A 67 6.66 3.98 -17.80
C VAL A 67 6.20 3.79 -19.23
N LEU A 68 5.50 4.79 -19.78
CA LEU A 68 5.04 4.68 -21.17
C LEU A 68 6.22 4.59 -22.12
N ALA A 69 7.34 5.23 -21.79
CA ALA A 69 8.52 5.14 -22.65
C ALA A 69 9.10 3.73 -22.60
N LEU A 70 9.28 3.18 -21.40
CA LEU A 70 9.72 1.80 -21.27
C LEU A 70 8.82 0.86 -22.05
N ARG A 71 7.51 1.11 -22.03
CA ARG A 71 6.58 0.31 -22.81
C ARG A 71 6.94 0.33 -24.28
N GLU A 72 7.47 1.44 -24.77
CA GLU A 72 7.86 1.58 -26.16
C GLU A 72 9.32 1.23 -26.39
N GLY A 73 9.99 0.61 -25.41
CA GLY A 73 11.37 0.22 -25.57
C GLY A 73 12.37 1.35 -25.42
N LEU A 74 11.99 2.46 -24.80
CA LEU A 74 12.85 3.61 -24.64
C LEU A 74 13.28 3.74 -23.19
N GLY A 75 14.57 3.92 -22.97
CA GLY A 75 15.09 4.16 -21.64
C GLY A 75 15.07 5.65 -21.31
N LEU A 76 13.95 6.11 -20.75
CA LEU A 76 13.75 7.52 -20.40
C LEU A 76 13.55 7.60 -18.90
N PRO A 77 14.63 7.67 -18.12
CA PRO A 77 14.47 7.65 -16.67
C PRO A 77 13.72 8.86 -16.19
N PRO A 78 12.95 8.72 -15.11
CA PRO A 78 12.29 9.90 -14.52
C PRO A 78 13.28 10.69 -13.68
N GLY A 79 13.28 12.00 -13.85
CA GLY A 79 14.10 12.92 -13.07
C GLY A 79 13.29 13.66 -12.03
N ASP A 80 13.58 14.95 -11.87
CA ASP A 80 12.84 15.75 -10.92
C ASP A 80 11.35 15.73 -11.24
N ASP A 81 10.53 15.70 -10.19
CA ASP A 81 9.08 15.77 -10.32
C ASP A 81 8.56 16.67 -9.20
N PRO A 82 8.03 17.85 -9.52
CA PRO A 82 7.53 18.73 -8.45
C PRO A 82 6.56 18.06 -7.49
N MET A 83 5.83 17.03 -7.94
CA MET A 83 4.95 16.29 -7.05
C MET A 83 5.73 15.69 -5.89
N LEU A 84 6.94 15.22 -6.14
CA LEU A 84 7.74 14.62 -5.07
C LEU A 84 8.19 15.67 -4.07
N LEU A 85 8.54 16.87 -4.54
CA LEU A 85 8.90 17.95 -3.62
C LEU A 85 7.71 18.31 -2.74
N ALA A 86 6.53 18.50 -3.35
CA ALA A 86 5.36 18.89 -2.58
C ALA A 86 4.96 17.81 -1.59
N TYR A 87 4.99 16.55 -2.04
CA TYR A 87 4.63 15.44 -1.16
C TYR A 87 5.54 15.39 0.06
N LEU A 88 6.81 15.74 -0.11
CA LEU A 88 7.73 15.76 1.02
C LEU A 88 7.48 16.98 1.92
N LEU A 89 7.13 18.12 1.33
CA LEU A 89 6.75 19.28 2.13
C LEU A 89 5.49 18.97 2.95
N ASP A 90 4.53 18.29 2.36
CA ASP A 90 3.26 17.98 3.00
C ASP A 90 2.61 16.82 2.26
N PRO A 91 2.51 15.63 2.86
CA PRO A 91 1.95 14.49 2.13
C PRO A 91 0.47 14.61 1.79
N SER A 92 -0.19 15.70 2.19
CA SER A 92 -1.52 15.98 1.67
C SER A 92 -1.46 16.50 0.24
N ASN A 93 -0.27 16.84 -0.26
CA ASN A 93 -0.07 17.16 -1.67
C ASN A 93 -0.01 15.86 -2.45
N THR A 94 -1.17 15.44 -2.96
CA THR A 94 -1.30 14.15 -3.61
C THR A 94 -1.65 14.22 -5.09
N THR A 95 -2.13 15.35 -5.58
CA THR A 95 -2.55 15.46 -6.97
C THR A 95 -1.95 16.70 -7.61
N PRO A 96 -1.75 16.68 -8.93
CA PRO A 96 -1.28 17.91 -9.59
C PRO A 96 -2.26 19.07 -9.45
N GLU A 97 -3.56 18.78 -9.48
CA GLU A 97 -4.55 19.84 -9.32
C GLU A 97 -4.31 20.61 -8.02
N GLY A 98 -4.17 19.89 -6.91
CA GLY A 98 -4.01 20.54 -5.62
C GLY A 98 -2.67 21.25 -5.49
N VAL A 99 -1.60 20.62 -6.00
CA VAL A 99 -0.27 21.24 -5.93
C VAL A 99 -0.27 22.57 -6.68
N ALA A 100 -0.79 22.56 -7.90
CA ALA A 100 -0.84 23.80 -8.68
C ALA A 100 -1.68 24.85 -7.99
N ARG A 101 -2.88 24.47 -7.54
CA ARG A 101 -3.76 25.42 -6.86
C ARG A 101 -3.12 25.97 -5.58
N ARG A 102 -2.16 25.26 -5.00
CA ARG A 102 -1.55 25.69 -3.75
C ARG A 102 -0.26 26.46 -3.93
N TYR A 103 0.54 26.15 -4.95
CA TYR A 103 1.86 26.76 -5.12
C TYR A 103 1.96 27.61 -6.38
N GLY A 104 0.83 28.05 -6.92
CA GLY A 104 0.83 29.09 -7.95
C GLY A 104 0.84 28.58 -9.37
N GLY A 105 -0.26 27.98 -9.80
CA GLY A 105 -0.35 27.52 -11.18
C GLY A 105 -1.72 26.93 -11.45
N GLU A 106 -1.86 26.40 -12.67
CA GLU A 106 -3.12 25.84 -13.15
C GLU A 106 -2.82 24.54 -13.88
N TRP A 107 -3.38 23.43 -13.39
CA TRP A 107 -3.24 22.13 -14.03
C TRP A 107 -4.34 21.99 -15.08
N THR A 108 -3.95 22.02 -16.35
CA THR A 108 -4.87 21.95 -17.47
C THR A 108 -4.71 20.60 -18.18
N GLU A 109 -5.23 20.52 -19.41
CA GLU A 109 -5.13 19.30 -20.21
C GLU A 109 -4.30 19.53 -21.47
N GLU A 110 -3.45 20.56 -21.49
CA GLU A 110 -2.60 20.87 -22.63
C GLU A 110 -1.14 20.62 -22.25
N ALA A 111 -0.44 19.85 -23.07
CA ALA A 111 0.93 19.46 -22.74
C ALA A 111 1.82 20.68 -22.54
N GLY A 112 1.73 21.66 -23.45
CA GLY A 112 2.56 22.85 -23.31
C GLY A 112 2.39 23.54 -21.97
N GLU A 113 1.14 23.71 -21.54
CA GLU A 113 0.89 24.35 -20.26
C GLU A 113 1.39 23.48 -19.11
N ARG A 114 1.25 22.16 -19.23
CA ARG A 114 1.76 21.26 -18.20
C ARG A 114 3.27 21.35 -18.10
N ALA A 115 3.95 21.51 -19.24
CA ALA A 115 5.40 21.68 -19.21
C ALA A 115 5.78 23.00 -18.54
N ALA A 116 5.12 24.09 -18.93
CA ALA A 116 5.40 25.38 -18.31
C ALA A 116 5.09 25.34 -16.82
N LEU A 117 3.98 24.71 -16.44
CA LEU A 117 3.66 24.57 -15.03
C LEU A 117 4.73 23.78 -14.29
N SER A 118 5.20 22.69 -14.90
CA SER A 118 6.24 21.89 -14.26
C SER A 118 7.46 22.73 -13.92
N GLU A 119 7.84 23.64 -14.82
CA GLU A 119 9.02 24.49 -14.58
C GLU A 119 8.78 25.42 -13.41
N ARG A 120 7.70 26.20 -13.46
CA ARG A 120 7.40 27.15 -12.38
C ARG A 120 7.25 26.43 -11.05
N LEU A 121 6.47 25.35 -11.03
CA LEU A 121 6.24 24.63 -9.77
C LEU A 121 7.53 24.06 -9.21
N PHE A 122 8.44 23.59 -10.07
CA PHE A 122 9.72 23.10 -9.57
C PHE A 122 10.52 24.23 -8.93
N ALA A 123 10.63 25.38 -9.61
CA ALA A 123 11.36 26.50 -9.06
C ALA A 123 10.79 26.93 -7.70
N ASN A 124 9.47 26.97 -7.60
CA ASN A 124 8.84 27.41 -6.35
C ASN A 124 9.06 26.40 -5.24
N LEU A 125 8.71 25.14 -5.49
CA LEU A 125 8.84 24.11 -4.46
C LEU A 125 10.30 23.90 -4.08
N TRP A 126 11.21 23.98 -5.05
CA TRP A 126 12.63 23.87 -4.73
C TRP A 126 13.06 24.97 -3.77
N GLY A 127 12.62 26.20 -4.02
CA GLY A 127 12.94 27.28 -3.11
C GLY A 127 12.37 27.06 -1.72
N ARG A 128 11.15 26.53 -1.65
CA ARG A 128 10.53 26.27 -0.35
C ARG A 128 11.30 25.22 0.43
N LEU A 129 11.97 24.30 -0.25
CA LEU A 129 12.78 23.28 0.40
C LEU A 129 14.21 23.72 0.67
N GLU A 130 14.63 24.87 0.13
CA GLU A 130 15.94 25.42 0.44
C GLU A 130 16.06 25.59 1.94
N GLY A 131 16.86 24.75 2.58
CA GLY A 131 17.05 24.78 4.02
C GLY A 131 16.53 23.55 4.73
N GLU A 132 15.64 22.79 4.09
CA GLU A 132 15.11 21.56 4.68
C GLU A 132 16.06 20.42 4.32
N GLU A 133 17.19 20.39 5.02
CA GLU A 133 18.26 19.44 4.70
C GLU A 133 17.72 18.01 4.74
N ARG A 134 16.96 17.67 5.75
CA ARG A 134 16.48 16.29 5.89
C ARG A 134 15.51 15.92 4.77
N LEU A 135 14.61 16.83 4.42
CA LEU A 135 13.69 16.56 3.32
C LEU A 135 14.43 16.48 1.99
N LEU A 136 15.44 17.33 1.80
CA LEU A 136 16.25 17.24 0.59
C LEU A 136 16.97 15.90 0.50
N TRP A 137 17.44 15.38 1.64
CA TRP A 137 18.06 14.07 1.64
C TRP A 137 17.07 12.99 1.20
N LEU A 138 15.85 13.04 1.76
CA LEU A 138 14.82 12.08 1.35
C LEU A 138 14.52 12.21 -0.13
N TYR A 139 14.57 13.44 -0.67
CA TYR A 139 14.27 13.65 -2.08
C TYR A 139 15.36 13.04 -2.96
N ARG A 140 16.62 13.38 -2.68
CA ARG A 140 17.73 12.96 -3.54
C ARG A 140 18.08 11.49 -3.36
N GLU A 141 17.94 10.96 -2.14
CA GLU A 141 18.43 9.63 -1.83
C GLU A 141 17.33 8.57 -1.76
N VAL A 142 16.06 8.96 -1.82
CA VAL A 142 14.97 7.98 -1.74
C VAL A 142 13.97 8.21 -2.86
N GLU A 143 13.23 9.31 -2.78
CA GLU A 143 12.05 9.46 -3.64
C GLU A 143 12.44 9.57 -5.12
N ARG A 144 13.35 10.48 -5.44
CA ARG A 144 13.71 10.66 -6.85
C ARG A 144 14.29 9.39 -7.46
N PRO A 145 15.29 8.74 -6.85
CA PRO A 145 15.75 7.45 -7.41
C PRO A 145 14.69 6.36 -7.33
N LEU A 146 13.84 6.37 -6.30
CA LEU A 146 12.78 5.37 -6.22
C LEU A 146 11.85 5.44 -7.41
N SER A 147 11.52 6.66 -7.87
CA SER A 147 10.62 6.81 -9.00
C SER A 147 11.11 5.99 -10.20
N ALA A 148 12.42 5.96 -10.42
CA ALA A 148 12.97 5.13 -11.49
C ALA A 148 12.72 3.66 -11.22
N VAL A 149 12.94 3.21 -9.98
CA VAL A 149 12.70 1.81 -9.64
C VAL A 149 11.24 1.44 -9.91
N LEU A 150 10.32 2.30 -9.47
CA LEU A 150 8.91 2.01 -9.66
C LEU A 150 8.54 1.97 -11.13
N ALA A 151 9.14 2.86 -11.94
CA ALA A 151 8.86 2.84 -13.36
C ALA A 151 9.20 1.50 -13.97
N HIS A 152 10.34 0.92 -13.60
CA HIS A 152 10.72 -0.38 -14.11
C HIS A 152 9.78 -1.47 -13.61
N MET A 153 9.41 -1.42 -12.32
CA MET A 153 8.43 -2.39 -11.80
C MET A 153 7.12 -2.31 -12.57
N GLU A 154 6.61 -1.09 -12.78
CA GLU A 154 5.35 -0.93 -13.48
C GLU A 154 5.42 -1.45 -14.91
N ALA A 155 6.54 -1.20 -15.59
CA ALA A 155 6.67 -1.62 -16.98
C ALA A 155 6.91 -3.12 -17.10
N THR A 156 7.49 -3.74 -16.08
CA THR A 156 7.78 -5.18 -16.15
C THR A 156 6.53 -6.01 -15.95
N GLY A 157 5.67 -5.63 -15.01
CA GLY A 157 4.46 -6.37 -14.74
C GLY A 157 4.76 -7.72 -14.10
N VAL A 158 3.69 -8.51 -13.91
CA VAL A 158 3.78 -9.82 -13.30
C VAL A 158 2.94 -10.80 -14.11
N ARG A 159 3.42 -12.04 -14.20
CA ARG A 159 2.71 -13.06 -14.95
C ARG A 159 1.54 -13.58 -14.15
N LEU A 160 0.44 -13.85 -14.85
CA LEU A 160 -0.79 -14.34 -14.24
C LEU A 160 -1.26 -15.58 -14.96
N ASP A 161 -1.70 -16.59 -14.21
CA ASP A 161 -2.26 -17.82 -14.78
C ASP A 161 -3.73 -17.57 -15.08
N VAL A 162 -4.00 -17.09 -16.30
CA VAL A 162 -5.34 -16.66 -16.66
C VAL A 162 -6.30 -17.86 -16.72
N ALA A 163 -5.93 -18.89 -17.48
CA ALA A 163 -6.81 -20.05 -17.60
C ALA A 163 -7.21 -20.58 -16.23
N TYR A 164 -6.27 -20.56 -15.28
CA TYR A 164 -6.57 -20.98 -13.92
C TYR A 164 -7.68 -20.13 -13.30
N LEU A 165 -7.60 -18.81 -13.47
CA LEU A 165 -8.60 -17.94 -12.88
C LEU A 165 -9.94 -18.04 -13.60
N ARG A 166 -9.92 -18.24 -14.93
CA ARG A 166 -11.16 -18.46 -15.66
C ARG A 166 -11.90 -19.67 -15.11
N ALA A 167 -11.20 -20.79 -14.95
CA ALA A 167 -11.84 -21.98 -14.37
C ALA A 167 -12.32 -21.70 -12.96
N LEU A 168 -11.53 -20.98 -12.17
CA LEU A 168 -11.92 -20.68 -10.80
C LEU A 168 -13.20 -19.83 -10.76
N SER A 169 -13.32 -18.89 -11.70
CA SER A 169 -14.53 -18.07 -11.76
C SER A 169 -15.78 -18.95 -11.89
N LEU A 170 -15.69 -20.06 -12.62
CA LEU A 170 -16.86 -20.89 -12.83
C LEU A 170 -17.18 -21.72 -11.59
N GLU A 171 -16.17 -22.26 -10.91
CA GLU A 171 -16.43 -22.95 -9.66
C GLU A 171 -17.05 -22.02 -8.63
N VAL A 172 -16.44 -20.86 -8.42
CA VAL A 172 -16.94 -19.92 -7.43
C VAL A 172 -18.37 -19.50 -7.78
N ALA A 173 -18.67 -19.39 -9.07
CA ALA A 173 -20.02 -19.01 -9.48
C ALA A 173 -21.05 -20.03 -8.99
N GLU A 174 -20.75 -21.32 -9.14
CA GLU A 174 -21.70 -22.34 -8.70
C GLU A 174 -21.87 -22.33 -7.19
N GLU A 175 -20.78 -22.10 -6.44
CA GLU A 175 -20.90 -22.02 -4.99
C GLU A 175 -21.65 -20.77 -4.57
N ILE A 176 -21.55 -19.68 -5.34
CA ILE A 176 -22.33 -18.49 -5.06
C ILE A 176 -23.81 -18.76 -5.27
N ALA A 177 -24.16 -19.49 -6.34
CA ALA A 177 -25.56 -19.75 -6.64
C ALA A 177 -26.21 -20.58 -5.55
N ARG A 178 -25.51 -21.58 -5.02
CA ARG A 178 -26.07 -22.40 -3.96
C ARG A 178 -26.34 -21.57 -2.71
N LEU A 179 -25.37 -20.75 -2.29
CA LEU A 179 -25.56 -19.88 -1.14
C LEU A 179 -26.73 -18.93 -1.38
N GLU A 180 -26.81 -18.34 -2.57
CA GLU A 180 -27.92 -17.44 -2.86
C GLU A 180 -29.27 -18.15 -2.72
N ALA A 181 -29.35 -19.40 -3.18
CA ALA A 181 -30.60 -20.14 -3.08
C ALA A 181 -30.98 -20.39 -1.63
N GLU A 182 -29.99 -20.74 -0.79
CA GLU A 182 -30.28 -20.93 0.63
C GLU A 182 -30.74 -19.63 1.27
N VAL A 183 -30.24 -18.50 0.81
CA VAL A 183 -30.65 -17.21 1.38
C VAL A 183 -32.08 -16.88 0.97
N PHE A 184 -32.37 -16.91 -0.33
CA PHE A 184 -33.71 -16.62 -0.80
C PHE A 184 -34.74 -17.50 -0.10
N ARG A 185 -34.45 -18.81 -0.01
CA ARG A 185 -35.39 -19.72 0.60
C ARG A 185 -35.60 -19.39 2.09
N LEU A 186 -34.51 -19.10 2.80
CA LEU A 186 -34.63 -18.73 4.21
C LEU A 186 -35.36 -17.41 4.37
N ALA A 187 -35.11 -16.46 3.47
CA ALA A 187 -35.82 -15.18 3.52
C ALA A 187 -37.26 -15.31 3.05
N GLY A 188 -37.59 -16.36 2.31
CA GLY A 188 -38.94 -16.56 1.82
C GLY A 188 -39.25 -15.85 0.52
N HIS A 189 -38.29 -15.16 -0.07
CA HIS A 189 -38.49 -14.45 -1.32
C HIS A 189 -37.14 -14.01 -1.87
N PRO A 190 -37.05 -13.77 -3.18
CA PRO A 190 -35.79 -13.27 -3.74
C PRO A 190 -35.66 -11.76 -3.57
N PHE A 191 -34.42 -11.31 -3.71
CA PHE A 191 -34.07 -9.89 -3.61
C PHE A 191 -32.59 -9.77 -3.93
N ASN A 192 -32.13 -8.53 -4.10
CA ASN A 192 -30.75 -8.27 -4.46
C ASN A 192 -29.89 -8.40 -3.21
N LEU A 193 -29.18 -9.53 -3.10
CA LEU A 193 -28.28 -9.74 -1.98
C LEU A 193 -27.13 -8.73 -1.96
N ASN A 194 -26.83 -8.11 -3.09
CA ASN A 194 -25.75 -7.12 -3.13
C ASN A 194 -26.20 -5.74 -2.68
N SER A 195 -27.50 -5.54 -2.47
CA SER A 195 -28.02 -4.25 -1.99
C SER A 195 -28.11 -4.31 -0.48
N ARG A 196 -27.23 -3.56 0.20
CA ARG A 196 -27.25 -3.56 1.64
C ARG A 196 -28.54 -2.92 2.19
N ASP A 197 -29.20 -2.08 1.39
CA ASP A 197 -30.48 -1.54 1.82
C ASP A 197 -31.56 -2.62 1.84
N GLN A 198 -31.66 -3.39 0.76
CA GLN A 198 -32.63 -4.48 0.72
C GLN A 198 -32.31 -5.52 1.79
N LEU A 199 -31.02 -5.81 2.00
CA LEU A 199 -30.65 -6.78 3.03
C LEU A 199 -31.03 -6.27 4.42
N GLU A 200 -30.90 -4.96 4.64
CA GLU A 200 -31.28 -4.39 5.93
C GLU A 200 -32.74 -4.69 6.23
N ARG A 201 -33.63 -4.46 5.26
CA ARG A 201 -35.05 -4.74 5.47
C ARG A 201 -35.28 -6.19 5.84
N VAL A 202 -34.69 -7.12 5.07
CA VAL A 202 -34.95 -8.54 5.31
C VAL A 202 -34.52 -8.93 6.72
N LEU A 203 -33.28 -8.61 7.09
CA LEU A 203 -32.73 -9.10 8.34
C LEU A 203 -33.44 -8.48 9.54
N PHE A 204 -33.67 -7.16 9.50
CA PHE A 204 -34.10 -6.43 10.69
C PHE A 204 -35.58 -6.11 10.72
N ASP A 205 -36.23 -5.99 9.55
CA ASP A 205 -37.67 -5.73 9.52
C ASP A 205 -38.44 -7.02 9.35
N GLU A 206 -38.35 -7.65 8.18
CA GLU A 206 -39.04 -8.91 7.93
C GLU A 206 -38.70 -9.91 9.01
N LEU A 207 -37.44 -10.32 9.08
CA LEU A 207 -36.96 -11.08 10.22
C LEU A 207 -36.76 -10.14 11.40
N GLY A 208 -36.71 -10.72 12.60
CA GLY A 208 -36.69 -9.91 13.81
C GLY A 208 -35.33 -9.78 14.44
N LEU A 209 -34.28 -9.87 13.63
CA LEU A 209 -32.93 -9.89 14.18
C LEU A 209 -32.58 -8.52 14.75
N PRO A 210 -31.87 -8.46 15.87
CA PRO A 210 -31.49 -7.16 16.45
C PRO A 210 -30.42 -6.47 15.62
N ALA A 211 -30.42 -5.14 15.69
CA ALA A 211 -29.47 -4.31 14.95
C ALA A 211 -28.37 -3.88 15.91
N ILE A 212 -27.16 -4.43 15.70
CA ILE A 212 -26.06 -4.14 16.61
C ILE A 212 -25.62 -2.68 16.50
N GLY A 213 -25.53 -2.14 15.28
CA GLY A 213 -24.97 -0.82 15.09
C GLY A 213 -25.54 -0.12 13.88
N LYS A 214 -25.10 1.13 13.69
CA LYS A 214 -25.58 2.01 12.64
C LYS A 214 -24.43 2.39 11.72
N THR A 215 -24.79 2.84 10.52
CA THR A 215 -23.80 3.34 9.57
C THR A 215 -23.44 4.78 9.90
N GLU A 216 -22.24 5.17 9.48
CA GLU A 216 -21.67 6.45 9.90
C GLU A 216 -22.47 7.63 9.35
N LYS A 217 -22.63 7.69 8.02
CA LYS A 217 -23.12 8.90 7.39
C LYS A 217 -24.65 8.97 7.39
N THR A 218 -25.33 7.86 7.13
CA THR A 218 -26.78 7.87 6.96
C THR A 218 -27.54 7.30 8.15
N GLY A 219 -26.87 6.75 9.15
CA GLY A 219 -27.57 6.25 10.31
C GLY A 219 -28.45 5.05 10.04
N LYS A 220 -28.17 4.29 8.98
CA LYS A 220 -28.92 3.08 8.70
C LYS A 220 -28.42 1.92 9.56
N ARG A 221 -29.29 0.92 9.73
CA ARG A 221 -28.90 -0.28 10.45
C ARG A 221 -27.83 -1.03 9.66
N SER A 222 -26.66 -1.19 10.26
CA SER A 222 -25.52 -1.76 9.54
C SER A 222 -25.70 -3.25 9.30
N THR A 223 -25.19 -3.70 8.16
CA THR A 223 -25.13 -5.12 7.84
C THR A 223 -23.69 -5.60 7.69
N SER A 224 -22.74 -4.88 8.29
CA SER A 224 -21.34 -5.24 8.18
C SER A 224 -21.07 -6.60 8.82
N ALA A 225 -19.94 -7.18 8.45
CA ALA A 225 -19.55 -8.48 9.00
C ALA A 225 -19.48 -8.42 10.51
N ALA A 226 -19.00 -7.31 11.06
CA ALA A 226 -18.78 -7.22 12.50
C ALA A 226 -20.09 -7.36 13.27
N VAL A 227 -21.17 -6.74 12.79
CA VAL A 227 -22.45 -6.88 13.47
C VAL A 227 -23.09 -8.22 13.14
N LEU A 228 -22.94 -8.70 11.90
CA LEU A 228 -23.50 -9.98 11.54
C LEU A 228 -22.79 -11.13 12.26
N GLU A 229 -21.49 -10.99 12.51
CA GLU A 229 -20.77 -12.02 13.25
C GLU A 229 -21.40 -12.24 14.62
N ALA A 230 -21.93 -11.18 15.24
CA ALA A 230 -22.63 -11.31 16.51
C ALA A 230 -23.84 -12.24 16.37
N LEU A 231 -24.48 -12.24 15.20
CA LEU A 231 -25.66 -13.06 14.95
C LEU A 231 -25.31 -14.36 14.24
N ARG A 232 -24.05 -14.80 14.31
CA ARG A 232 -23.67 -16.04 13.65
C ARG A 232 -24.41 -17.25 14.21
N GLU A 233 -25.05 -17.11 15.37
CA GLU A 233 -25.92 -18.14 15.92
C GLU A 233 -27.35 -17.66 16.15
N ALA A 234 -27.58 -16.35 16.25
CA ALA A 234 -28.92 -15.82 16.43
C ALA A 234 -29.82 -16.06 15.22
N HIS A 235 -29.26 -16.50 14.09
CA HIS A 235 -30.05 -16.88 12.93
C HIS A 235 -29.15 -17.54 11.90
N PRO A 236 -29.67 -18.48 11.09
CA PRO A 236 -28.80 -19.24 10.18
C PRO A 236 -28.53 -18.52 8.88
N ILE A 237 -29.50 -17.74 8.40
CA ILE A 237 -29.33 -17.01 7.15
C ILE A 237 -28.11 -16.09 7.22
N VAL A 238 -27.75 -15.63 8.42
CA VAL A 238 -26.59 -14.76 8.56
C VAL A 238 -25.32 -15.50 8.13
N GLU A 239 -25.17 -16.75 8.58
CA GLU A 239 -24.02 -17.56 8.19
C GLU A 239 -23.85 -17.56 6.67
N LYS A 240 -24.92 -17.89 5.94
CA LYS A 240 -24.80 -18.01 4.49
C LYS A 240 -24.50 -16.66 3.84
N ILE A 241 -25.06 -15.58 4.38
CA ILE A 241 -24.82 -14.26 3.81
C ILE A 241 -23.33 -13.91 3.89
N LEU A 242 -22.69 -14.24 5.01
CA LEU A 242 -21.26 -13.95 5.14
C LEU A 242 -20.46 -14.76 4.12
N GLN A 243 -20.87 -16.00 3.87
CA GLN A 243 -20.21 -16.79 2.83
C GLN A 243 -20.47 -16.21 1.45
N TYR A 244 -21.70 -15.75 1.20
CA TYR A 244 -22.02 -15.15 -0.09
C TYR A 244 -21.15 -13.92 -0.34
N ARG A 245 -21.02 -13.04 0.66
CA ARG A 245 -20.22 -11.84 0.49
C ARG A 245 -18.75 -12.19 0.27
N GLU A 246 -18.24 -13.17 1.03
CA GLU A 246 -16.85 -13.58 0.87
C GLU A 246 -16.56 -13.96 -0.59
N LEU A 247 -17.42 -14.80 -1.17
CA LEU A 247 -17.16 -15.28 -2.53
C LEU A 247 -17.37 -14.19 -3.56
N THR A 248 -18.46 -13.42 -3.43
CA THR A 248 -18.71 -12.34 -4.38
C THR A 248 -17.63 -11.27 -4.28
N LYS A 249 -17.16 -10.98 -3.06
CA LYS A 249 -16.06 -10.05 -2.89
C LYS A 249 -14.85 -10.47 -3.71
N LEU A 250 -14.41 -11.72 -3.55
CA LEU A 250 -13.19 -12.16 -4.22
C LEU A 250 -13.45 -12.34 -5.72
N LYS A 251 -14.62 -12.80 -6.10
CA LYS A 251 -14.93 -12.97 -7.51
C LYS A 251 -14.98 -11.62 -8.23
N SER A 252 -15.76 -10.69 -7.70
CA SER A 252 -15.97 -9.42 -8.40
C SER A 252 -14.74 -8.52 -8.34
N THR A 253 -13.92 -8.66 -7.31
CA THR A 253 -12.78 -7.77 -7.15
C THR A 253 -11.49 -8.31 -7.75
N TYR A 254 -11.32 -9.64 -7.79
CA TYR A 254 -10.03 -10.20 -8.16
C TYR A 254 -10.15 -11.24 -9.27
N ILE A 255 -10.95 -12.29 -9.04
CA ILE A 255 -10.96 -13.42 -9.95
C ILE A 255 -11.36 -12.98 -11.37
N ASP A 256 -12.41 -12.18 -11.48
CA ASP A 256 -12.94 -11.84 -12.79
C ASP A 256 -12.18 -10.69 -13.44
N PRO A 257 -11.88 -9.60 -12.72
CA PRO A 257 -11.24 -8.45 -13.41
C PRO A 257 -9.79 -8.71 -13.78
N LEU A 258 -9.02 -9.35 -12.92
CA LEU A 258 -7.57 -9.47 -13.15
C LEU A 258 -7.23 -10.09 -14.49
N PRO A 259 -7.75 -11.26 -14.85
CA PRO A 259 -7.38 -11.84 -16.15
C PRO A 259 -7.72 -10.96 -17.33
N ASP A 260 -8.69 -10.05 -17.20
CA ASP A 260 -9.03 -9.15 -18.30
C ASP A 260 -8.08 -7.97 -18.42
N LEU A 261 -7.07 -7.88 -17.55
CA LEU A 261 -6.13 -6.75 -17.56
C LEU A 261 -4.76 -7.13 -18.10
N ILE A 262 -4.63 -8.31 -18.71
CA ILE A 262 -3.35 -8.71 -19.29
C ILE A 262 -3.05 -7.81 -20.49
N HIS A 263 -1.83 -7.32 -20.56
CA HIS A 263 -1.44 -6.42 -21.64
C HIS A 263 -1.09 -7.22 -22.89
N PRO A 264 -1.52 -6.77 -24.07
CA PRO A 264 -1.28 -7.58 -25.28
C PRO A 264 0.18 -7.72 -25.65
N ARG A 265 0.99 -6.68 -25.46
CA ARG A 265 2.38 -6.73 -25.87
C ARG A 265 3.25 -7.48 -24.87
N THR A 266 2.99 -7.32 -23.57
CA THR A 266 3.83 -7.95 -22.56
C THR A 266 3.31 -9.31 -22.11
N GLY A 267 2.01 -9.54 -22.21
CA GLY A 267 1.43 -10.78 -21.71
C GLY A 267 1.39 -10.86 -20.20
N ARG A 268 1.55 -9.74 -19.50
CA ARG A 268 1.65 -9.71 -18.05
C ARG A 268 0.71 -8.65 -17.50
N LEU A 269 0.60 -8.63 -16.17
CA LEU A 269 -0.32 -7.75 -15.46
C LEU A 269 0.45 -6.58 -14.85
N HIS A 270 0.00 -5.36 -15.14
CA HIS A 270 0.75 -4.15 -14.80
C HIS A 270 -0.06 -3.29 -13.85
N THR A 271 0.46 -3.09 -12.65
CA THR A 271 -0.14 -2.18 -11.69
C THR A 271 0.55 -0.82 -11.79
N ARG A 272 0.10 0.10 -10.94
CA ARG A 272 0.72 1.41 -10.78
C ARG A 272 1.07 1.59 -9.31
N PHE A 273 2.33 1.95 -9.04
CA PHE A 273 2.78 2.20 -7.67
C PHE A 273 2.82 3.70 -7.47
N ASN A 274 1.76 4.23 -6.84
CA ASN A 274 1.61 5.66 -6.64
C ASN A 274 2.50 6.13 -5.51
N GLN A 275 3.29 7.17 -5.77
CA GLN A 275 4.35 7.61 -4.88
C GLN A 275 3.94 8.80 -4.02
N THR A 276 2.81 9.45 -4.30
CA THR A 276 2.33 10.58 -3.52
C THR A 276 0.85 10.41 -3.20
N ALA A 277 0.52 9.27 -2.59
CA ALA A 277 -0.87 8.90 -2.36
C ALA A 277 -1.24 8.69 -0.91
N THR A 278 -0.28 8.59 0.00
CA THR A 278 -0.57 8.28 1.40
C THR A 278 -0.03 9.38 2.31
N ALA A 279 -0.63 9.46 3.50
CA ALA A 279 -0.24 10.47 4.47
C ALA A 279 0.98 10.10 5.28
N THR A 280 1.40 8.82 5.25
CA THR A 280 2.48 8.33 6.10
C THR A 280 3.78 8.09 5.35
N GLY A 281 3.78 8.21 4.02
CA GLY A 281 4.96 7.92 3.22
C GLY A 281 4.94 6.55 2.57
N ARG A 282 3.92 5.74 2.86
CA ARG A 282 3.76 4.47 2.16
C ARG A 282 3.50 4.71 0.69
N LEU A 283 3.79 3.69 -0.12
CA LEU A 283 3.28 3.63 -1.48
C LEU A 283 1.83 3.16 -1.46
N SER A 284 1.16 3.32 -2.59
CA SER A 284 -0.11 2.66 -2.85
C SER A 284 -0.04 2.02 -4.23
N SER A 285 -0.96 1.10 -4.47
CA SER A 285 -1.03 0.37 -5.74
C SER A 285 -2.45 0.45 -6.26
N SER A 286 -2.61 0.67 -7.57
CA SER A 286 -3.94 0.79 -8.14
C SER A 286 -3.91 0.41 -9.62
N ASP A 287 -5.10 0.10 -10.13
CA ASP A 287 -5.35 -0.05 -11.56
C ASP A 287 -4.57 -1.21 -12.17
N PRO A 288 -4.62 -2.41 -11.58
CA PRO A 288 -5.34 -2.79 -10.36
C PRO A 288 -4.47 -2.73 -9.12
N ASN A 289 -5.09 -2.66 -7.95
CA ASN A 289 -4.35 -2.71 -6.69
C ASN A 289 -3.82 -4.12 -6.48
N LEU A 290 -2.51 -4.29 -6.56
CA LEU A 290 -1.87 -5.57 -6.30
C LEU A 290 -1.29 -5.65 -4.90
N GLN A 291 -1.62 -4.69 -4.03
CA GLN A 291 -1.19 -4.70 -2.65
C GLN A 291 -2.27 -5.22 -1.70
N ASN A 292 -3.39 -5.71 -2.23
CA ASN A 292 -4.42 -6.29 -1.37
C ASN A 292 -5.00 -7.54 -2.01
N ILE A 293 -4.15 -8.32 -2.69
CA ILE A 293 -4.61 -9.61 -3.20
C ILE A 293 -4.95 -10.52 -2.02
N PRO A 294 -6.07 -11.26 -2.06
CA PRO A 294 -6.45 -12.08 -0.91
C PRO A 294 -5.34 -13.04 -0.50
N VAL A 295 -5.41 -13.47 0.76
CA VAL A 295 -4.44 -14.43 1.29
C VAL A 295 -4.93 -15.08 2.58
N ARG A 296 -5.92 -14.46 3.25
CA ARG A 296 -6.34 -14.94 4.55
C ARG A 296 -7.03 -16.30 4.47
N THR A 297 -7.89 -16.49 3.48
CA THR A 297 -8.72 -17.68 3.41
C THR A 297 -8.14 -18.68 2.43
N PRO A 298 -8.52 -19.97 2.55
CA PRO A 298 -8.04 -20.94 1.55
C PRO A 298 -8.40 -20.54 0.12
N LEU A 299 -9.57 -19.93 -0.07
CA LEU A 299 -9.92 -19.46 -1.41
C LEU A 299 -9.03 -18.30 -1.82
N GLY A 300 -8.74 -17.38 -0.91
CA GLY A 300 -7.82 -16.29 -1.24
C GLY A 300 -6.45 -16.81 -1.62
N GLN A 301 -5.98 -17.85 -0.94
CA GLN A 301 -4.69 -18.43 -1.29
C GLN A 301 -4.72 -19.03 -2.69
N ARG A 302 -5.86 -19.62 -3.08
CA ARG A 302 -5.98 -20.10 -4.45
C ARG A 302 -5.80 -18.97 -5.45
N ILE A 303 -6.24 -17.75 -5.10
CA ILE A 303 -6.04 -16.60 -5.97
C ILE A 303 -4.56 -16.23 -6.03
N ARG A 304 -3.87 -16.29 -4.89
CA ARG A 304 -2.43 -15.98 -4.88
C ARG A 304 -1.66 -16.88 -5.83
N ARG A 305 -2.03 -18.16 -5.91
CA ARG A 305 -1.31 -19.09 -6.76
C ARG A 305 -1.35 -18.69 -8.23
N ALA A 306 -2.29 -17.80 -8.61
CA ALA A 306 -2.39 -17.38 -10.00
C ALA A 306 -1.21 -16.50 -10.41
N PHE A 307 -0.58 -15.83 -9.44
CA PHE A 307 0.58 -14.98 -9.71
C PHE A 307 1.81 -15.88 -9.77
N ILE A 308 2.40 -16.00 -10.97
CA ILE A 308 3.43 -17.00 -11.22
C ILE A 308 4.62 -16.33 -11.90
N ALA A 309 5.72 -17.08 -11.96
CA ALA A 309 6.94 -16.62 -12.62
C ALA A 309 6.94 -17.03 -14.08
N GLU A 310 7.58 -16.22 -14.91
CA GLU A 310 7.82 -16.58 -16.30
C GLU A 310 8.55 -17.92 -16.37
N GLU A 311 8.34 -18.65 -17.46
CA GLU A 311 9.02 -19.92 -17.65
C GLU A 311 10.52 -19.74 -17.51
N GLY A 312 11.15 -20.66 -16.76
CA GLY A 312 12.57 -20.57 -16.49
C GLY A 312 12.94 -19.62 -15.38
N TRP A 313 11.96 -19.07 -14.66
CA TRP A 313 12.19 -18.15 -13.57
C TRP A 313 11.52 -18.67 -12.30
N LEU A 314 11.83 -18.00 -11.19
CA LEU A 314 11.21 -18.29 -9.91
C LEU A 314 10.94 -16.98 -9.19
N LEU A 315 9.84 -16.94 -8.45
CA LEU A 315 9.53 -15.79 -7.62
C LEU A 315 10.31 -15.86 -6.32
N VAL A 316 10.74 -14.71 -5.83
CA VAL A 316 11.41 -14.60 -4.54
C VAL A 316 10.64 -13.58 -3.71
N ALA A 317 10.05 -14.04 -2.61
CA ALA A 317 9.25 -13.19 -1.73
C ALA A 317 10.03 -12.93 -0.45
N LEU A 318 10.22 -11.65 -0.13
CA LEU A 318 10.92 -11.23 1.08
C LEU A 318 10.00 -10.32 1.88
N ASP A 319 9.92 -10.55 3.19
CA ASP A 319 8.99 -9.82 4.04
C ASP A 319 9.67 -9.54 5.38
N TYR A 320 9.61 -8.29 5.82
CA TYR A 320 10.21 -7.93 7.10
C TYR A 320 9.41 -8.53 8.24
N SER A 321 10.13 -8.97 9.27
CA SER A 321 9.51 -9.59 10.44
C SER A 321 9.10 -8.51 11.43
N GLN A 322 7.83 -8.54 11.84
CA GLN A 322 7.32 -7.69 12.91
C GLN A 322 7.84 -6.27 12.76
N ILE A 323 7.73 -5.74 11.53
CA ILE A 323 8.55 -4.59 11.15
C ILE A 323 8.28 -3.39 12.06
N GLU A 324 7.01 -3.00 12.19
CA GLU A 324 6.71 -1.79 12.94
C GLU A 324 7.01 -1.94 14.43
N LEU A 325 7.02 -3.17 14.95
CA LEU A 325 7.42 -3.37 16.34
C LEU A 325 8.92 -3.12 16.52
N ARG A 326 9.73 -3.60 15.58
CA ARG A 326 11.16 -3.30 15.64
C ARG A 326 11.40 -1.80 15.51
N VAL A 327 10.67 -1.15 14.60
CA VAL A 327 10.75 0.31 14.47
C VAL A 327 10.40 0.98 15.80
N LEU A 328 9.32 0.54 16.43
CA LEU A 328 8.93 1.13 17.70
C LEU A 328 10.03 0.98 18.74
N ALA A 329 10.70 -0.18 18.75
CA ALA A 329 11.83 -0.38 19.65
C ALA A 329 12.87 0.71 19.43
N HIS A 330 13.27 0.94 18.18
CA HIS A 330 14.29 1.95 17.89
C HIS A 330 13.81 3.33 18.27
N LEU A 331 12.58 3.68 17.90
CA LEU A 331 12.08 5.03 18.14
C LEU A 331 11.92 5.30 19.64
N SER A 332 11.40 4.33 20.38
CA SER A 332 11.10 4.54 21.80
C SER A 332 12.29 4.21 22.70
N GLY A 333 13.04 3.16 22.38
CA GLY A 333 14.14 2.73 23.22
C GLY A 333 13.76 1.80 24.35
N ASP A 334 12.53 1.29 24.37
CA ASP A 334 12.11 0.35 25.40
C ASP A 334 13.05 -0.85 25.43
N GLU A 335 13.89 -0.94 26.46
CA GLU A 335 14.85 -2.04 26.54
C GLU A 335 14.15 -3.39 26.50
N ASN A 336 13.04 -3.51 27.22
CA ASN A 336 12.29 -4.76 27.21
C ASN A 336 11.92 -5.17 25.79
N LEU A 337 11.49 -4.20 24.98
CA LEU A 337 11.09 -4.50 23.61
C LEU A 337 12.30 -4.80 22.74
N ILE A 338 13.43 -4.15 23.00
CA ILE A 338 14.65 -4.44 22.24
C ILE A 338 15.13 -5.84 22.55
N ARG A 339 15.09 -6.24 23.82
CA ARG A 339 15.52 -7.59 24.21
C ARG A 339 14.68 -8.64 23.50
N VAL A 340 13.37 -8.39 23.35
CA VAL A 340 12.50 -9.32 22.63
C VAL A 340 13.14 -9.71 21.31
N PHE A 341 13.63 -8.72 20.56
CA PHE A 341 14.15 -8.95 19.22
C PHE A 341 15.62 -9.36 19.23
N GLN A 342 16.41 -8.84 20.16
CA GLN A 342 17.77 -9.36 20.35
C GLN A 342 17.78 -10.74 20.97
N GLU A 343 16.63 -11.26 21.40
CA GLU A 343 16.50 -12.62 21.88
C GLU A 343 15.74 -13.51 20.92
N GLY A 344 15.27 -12.97 19.79
CA GLY A 344 14.60 -13.78 18.80
C GLY A 344 13.18 -14.17 19.15
N ARG A 345 12.50 -13.41 20.00
CA ARG A 345 11.13 -13.71 20.36
C ARG A 345 10.17 -13.16 19.32
N ASP A 346 9.04 -13.86 19.17
CA ASP A 346 7.99 -13.47 18.22
C ASP A 346 6.75 -13.08 19.00
N ILE A 347 6.36 -11.81 18.91
CA ILE A 347 5.23 -11.32 19.68
C ILE A 347 3.90 -11.73 19.03
N HIS A 348 3.88 -11.84 17.70
CA HIS A 348 2.66 -12.32 17.04
C HIS A 348 2.34 -13.75 17.46
N THR A 349 3.34 -14.62 17.46
CA THR A 349 3.13 -15.99 17.92
C THR A 349 2.77 -16.03 19.40
N GLU A 350 3.47 -15.23 20.21
CA GLU A 350 3.20 -15.24 21.65
C GLU A 350 1.77 -14.79 21.94
N THR A 351 1.30 -13.73 21.28
CA THR A 351 -0.08 -13.29 21.46
C THR A 351 -1.05 -14.37 20.99
N ALA A 352 -0.74 -15.04 19.88
CA ALA A 352 -1.61 -16.10 19.39
C ALA A 352 -1.79 -17.19 20.44
N SER A 353 -0.79 -17.41 21.29
CA SER A 353 -0.87 -18.46 22.30
C SER A 353 -1.98 -18.18 23.30
N TRP A 354 -2.00 -16.96 23.86
CA TRP A 354 -3.02 -16.62 24.85
C TRP A 354 -4.41 -16.56 24.23
N MET A 355 -4.50 -16.15 22.96
CA MET A 355 -5.80 -16.10 22.29
C MET A 355 -6.42 -17.49 22.18
N PHE A 356 -5.68 -18.43 21.60
CA PHE A 356 -6.19 -19.76 21.30
C PHE A 356 -5.89 -20.78 22.37
N GLY A 357 -5.24 -20.39 23.46
CA GLY A 357 -4.91 -21.33 24.52
C GLY A 357 -4.08 -22.50 24.05
N VAL A 358 -3.35 -22.34 22.96
CA VAL A 358 -2.50 -23.40 22.43
C VAL A 358 -1.05 -22.93 22.53
N PRO A 359 -0.09 -23.85 22.44
CA PRO A 359 1.32 -23.46 22.62
C PRO A 359 2.09 -23.25 21.33
N ARG A 360 2.90 -22.18 21.32
CA ARG A 360 3.97 -21.94 20.35
C ARG A 360 3.90 -22.82 19.10
N GLU A 361 4.37 -24.07 19.20
CA GLU A 361 4.51 -24.91 18.02
C GLU A 361 3.17 -25.22 17.37
N ALA A 362 2.07 -25.07 18.10
CA ALA A 362 0.75 -25.38 17.55
C ALA A 362 0.24 -24.28 16.63
N VAL A 363 0.69 -23.04 16.82
CA VAL A 363 0.18 -21.93 16.03
C VAL A 363 0.43 -22.18 14.56
N ASP A 364 -0.62 -22.05 13.75
CA ASP A 364 -0.54 -22.04 12.30
C ASP A 364 -0.74 -20.61 11.80
N PRO A 365 -0.46 -20.36 10.52
CA PRO A 365 -0.62 -18.99 9.99
C PRO A 365 -1.96 -18.34 10.31
N LEU A 366 -3.08 -19.07 10.18
CA LEU A 366 -4.38 -18.46 10.40
C LEU A 366 -4.47 -17.87 11.81
N MET A 367 -4.01 -18.61 12.81
CA MET A 367 -4.00 -18.08 14.17
C MET A 367 -3.06 -16.89 14.29
N ARG A 368 -1.88 -16.98 13.68
CA ARG A 368 -0.90 -15.90 13.82
C ARG A 368 -1.36 -14.62 13.15
N ARG A 369 -2.05 -14.74 12.02
CA ARG A 369 -2.65 -13.55 11.40
C ARG A 369 -3.58 -12.85 12.37
N ALA A 370 -4.55 -13.60 12.92
CA ALA A 370 -5.45 -13.03 13.92
C ALA A 370 -4.67 -12.31 15.01
N ALA A 371 -3.64 -12.96 15.54
CA ALA A 371 -2.84 -12.35 16.60
C ALA A 371 -2.16 -11.08 16.13
N LYS A 372 -1.77 -11.02 14.85
CA LYS A 372 -1.09 -9.82 14.35
C LYS A 372 -2.02 -8.61 14.40
N THR A 373 -3.26 -8.77 13.99
CA THR A 373 -4.22 -7.67 14.05
C THR A 373 -4.40 -7.19 15.49
N ILE A 374 -4.46 -8.13 16.43
CA ILE A 374 -4.64 -7.78 17.84
C ILE A 374 -3.47 -6.93 18.32
N ASN A 375 -2.25 -7.37 18.04
CA ASN A 375 -1.07 -6.67 18.55
C ASN A 375 -1.01 -5.23 18.04
N PHE A 376 -1.28 -5.03 16.76
CA PHE A 376 -1.26 -3.68 16.22
C PHE A 376 -2.54 -2.92 16.55
N GLY A 377 -3.66 -3.61 16.68
CA GLY A 377 -4.87 -2.95 17.16
C GLY A 377 -4.68 -2.35 18.53
N VAL A 378 -4.25 -3.18 19.49
CA VAL A 378 -3.99 -2.68 20.85
C VAL A 378 -3.00 -1.53 20.81
N LEU A 379 -1.90 -1.71 20.07
CA LEU A 379 -0.83 -0.73 20.07
C LEU A 379 -1.34 0.66 19.71
N TYR A 380 -2.11 0.76 18.62
CA TYR A 380 -2.47 2.05 18.06
C TYR A 380 -3.80 2.59 18.59
N GLY A 381 -4.29 2.07 19.70
CA GLY A 381 -5.38 2.67 20.43
C GLY A 381 -6.74 1.98 20.37
N MET A 382 -6.79 0.68 20.10
CA MET A 382 -8.07 -0.03 20.14
C MET A 382 -8.65 0.01 21.56
N SER A 383 -9.97 -0.03 21.64
CA SER A 383 -10.68 0.04 22.92
C SER A 383 -10.93 -1.36 23.47
N ALA A 384 -11.07 -1.43 24.79
CA ALA A 384 -11.39 -2.70 25.44
C ALA A 384 -12.74 -3.24 24.93
N HIS A 385 -13.70 -2.34 24.69
CA HIS A 385 -15.00 -2.77 24.20
C HIS A 385 -14.87 -3.49 22.86
N ARG A 386 -14.13 -2.90 21.92
CA ARG A 386 -13.92 -3.57 20.64
C ARG A 386 -13.07 -4.82 20.80
N LEU A 387 -12.00 -4.75 21.59
CA LEU A 387 -11.19 -5.92 21.84
C LEU A 387 -12.00 -7.01 22.53
N SER A 388 -12.99 -6.63 23.32
CA SER A 388 -13.93 -7.61 23.86
C SER A 388 -14.77 -8.24 22.75
N GLN A 389 -15.20 -7.42 21.79
CA GLN A 389 -15.95 -7.91 20.64
C GLN A 389 -15.17 -9.03 19.96
N GLU A 390 -14.03 -8.69 19.36
CA GLU A 390 -13.08 -9.72 18.97
C GLU A 390 -12.68 -10.54 20.20
N LEU A 391 -12.06 -11.69 19.95
CA LEU A 391 -11.63 -12.60 21.01
C LEU A 391 -12.82 -13.31 21.68
N ALA A 392 -13.99 -12.65 21.73
CA ALA A 392 -15.17 -13.22 22.38
C ALA A 392 -14.90 -13.49 23.85
N ILE A 393 -14.17 -12.58 24.50
CA ILE A 393 -13.87 -12.69 25.93
C ILE A 393 -14.63 -11.59 26.66
N PRO A 394 -14.83 -11.71 27.97
CA PRO A 394 -15.54 -10.65 28.69
C PRO A 394 -14.81 -9.32 28.59
N TYR A 395 -15.57 -8.24 28.83
CA TYR A 395 -15.00 -6.90 28.78
C TYR A 395 -13.79 -6.78 29.69
N GLU A 396 -13.92 -7.27 30.92
CA GLU A 396 -12.80 -7.20 31.86
C GLU A 396 -11.58 -7.94 31.33
N GLU A 397 -11.80 -9.07 30.63
CA GLU A 397 -10.67 -9.82 30.08
C GLU A 397 -9.94 -9.03 29.01
N ALA A 398 -10.64 -8.18 28.27
CA ALA A 398 -9.99 -7.34 27.27
C ALA A 398 -9.21 -6.21 27.93
N GLN A 399 -9.75 -5.64 29.01
CA GLN A 399 -9.02 -4.62 29.75
C GLN A 399 -7.67 -5.15 30.20
N ALA A 400 -7.66 -6.31 30.83
CA ALA A 400 -6.43 -6.85 31.41
C ALA A 400 -5.37 -7.11 30.34
N PHE A 401 -5.79 -7.57 29.17
CA PHE A 401 -4.82 -7.84 28.11
C PHE A 401 -4.17 -6.56 27.62
N ILE A 402 -4.96 -5.50 27.42
CA ILE A 402 -4.40 -4.22 26.97
C ILE A 402 -3.46 -3.67 28.03
N GLU A 403 -3.81 -3.84 29.31
CA GLU A 403 -2.97 -3.32 30.38
C GLU A 403 -1.64 -4.07 30.44
N ARG A 404 -1.67 -5.40 30.33
CA ARG A 404 -0.43 -6.18 30.35
C ARG A 404 0.40 -5.96 29.08
N TYR A 405 -0.27 -5.72 27.95
CA TYR A 405 0.45 -5.46 26.70
C TYR A 405 1.40 -4.28 26.84
N PHE A 406 0.87 -3.13 27.28
CA PHE A 406 1.71 -1.95 27.42
C PHE A 406 2.64 -2.05 28.61
N GLN A 407 2.26 -2.82 29.65
CA GLN A 407 3.14 -3.02 30.78
C GLN A 407 4.34 -3.87 30.41
N SER A 408 4.17 -4.80 29.46
CA SER A 408 5.30 -5.58 28.97
C SER A 408 6.38 -4.68 28.37
N PHE A 409 5.99 -3.54 27.82
CA PHE A 409 6.91 -2.60 27.17
C PHE A 409 6.63 -1.21 27.72
N PRO A 410 7.12 -0.91 28.94
CA PRO A 410 6.71 0.33 29.60
C PRO A 410 7.10 1.60 28.85
N LYS A 411 8.24 1.61 28.16
CA LYS A 411 8.72 2.83 27.52
C LYS A 411 7.91 3.22 26.29
N VAL A 412 7.00 2.36 25.82
CA VAL A 412 6.23 2.68 24.62
C VAL A 412 5.26 3.83 24.91
N ARG A 413 4.50 3.74 26.01
CA ARG A 413 3.54 4.77 26.34
C ARG A 413 4.22 6.12 26.53
N ALA A 414 5.45 6.13 27.05
CA ALA A 414 6.17 7.38 27.25
C ALA A 414 6.55 8.02 25.91
N TRP A 415 6.93 7.21 24.93
CA TRP A 415 7.29 7.74 23.62
C TRP A 415 6.07 8.35 22.93
N ILE A 416 4.90 7.73 23.10
CA ILE A 416 3.68 8.26 22.49
C ILE A 416 3.46 9.71 22.91
N GLU A 417 3.61 9.98 24.21
CA GLU A 417 3.31 11.32 24.72
C GLU A 417 4.34 12.34 24.25
N LYS A 418 5.61 11.95 24.20
CA LYS A 418 6.62 12.85 23.65
C LYS A 418 6.29 13.20 22.20
N THR A 419 5.86 12.22 21.41
CA THR A 419 5.51 12.47 20.02
C THR A 419 4.36 13.45 19.90
N LEU A 420 3.33 13.28 20.73
CA LEU A 420 2.16 14.16 20.66
C LEU A 420 2.51 15.56 21.13
N GLU A 421 3.23 15.67 22.26
CA GLU A 421 3.68 16.98 22.72
C GLU A 421 4.44 17.71 21.63
N GLU A 422 5.43 17.05 21.03
CA GLU A 422 6.14 17.65 19.92
C GLU A 422 5.18 17.92 18.76
N GLY A 423 4.22 17.03 18.53
CA GLY A 423 3.25 17.25 17.48
C GLY A 423 2.38 18.47 17.74
N ARG A 424 1.93 18.63 18.98
CA ARG A 424 1.15 19.81 19.33
C ARG A 424 1.98 21.08 19.17
N ARG A 425 3.21 21.07 19.68
CA ARG A 425 4.06 22.25 19.61
C ARG A 425 4.46 22.56 18.18
N ARG A 426 4.79 21.53 17.40
CA ARG A 426 5.35 21.73 16.07
C ARG A 426 4.29 21.69 14.97
N GLY A 427 3.10 21.17 15.25
CA GLY A 427 2.08 21.02 14.24
C GLY A 427 2.21 19.77 13.38
N TYR A 428 3.35 19.08 13.43
CA TYR A 428 3.55 17.88 12.64
C TYR A 428 4.32 16.86 13.47
N VAL A 429 4.23 15.61 13.03
CA VAL A 429 5.06 14.52 13.53
C VAL A 429 5.95 14.07 12.38
N GLU A 430 7.06 13.41 12.72
CA GLU A 430 8.04 13.06 11.71
C GLU A 430 8.55 11.65 11.91
N THR A 431 9.10 11.09 10.83
CA THR A 431 9.71 9.77 10.85
C THR A 431 11.17 9.87 11.29
N LEU A 432 11.83 8.71 11.37
CA LEU A 432 13.23 8.69 11.75
C LEU A 432 14.09 9.52 10.80
N PHE A 433 13.69 9.59 9.53
CA PHE A 433 14.45 10.32 8.52
C PHE A 433 13.93 11.73 8.29
N GLY A 434 12.89 12.15 9.01
CA GLY A 434 12.38 13.50 8.90
C GLY A 434 11.18 13.69 8.01
N ARG A 435 10.59 12.62 7.48
CA ARG A 435 9.36 12.75 6.72
C ARG A 435 8.27 13.26 7.64
N ARG A 436 7.51 14.26 7.19
CA ARG A 436 6.56 14.98 8.03
C ARG A 436 5.13 14.67 7.63
N ARG A 437 4.27 14.57 8.64
CA ARG A 437 2.83 14.61 8.45
C ARG A 437 2.25 15.65 9.40
N TYR A 438 1.49 16.59 8.85
CA TYR A 438 0.89 17.64 9.66
C TYR A 438 -0.40 17.14 10.29
N VAL A 439 -0.58 17.41 11.58
CA VAL A 439 -1.76 16.96 12.32
C VAL A 439 -2.26 18.12 13.17
N PRO A 440 -2.92 19.12 12.58
CA PRO A 440 -3.36 20.27 13.37
C PRO A 440 -4.43 19.93 14.39
N ASP A 441 -5.19 18.86 14.20
CA ASP A 441 -6.31 18.56 15.10
C ASP A 441 -5.86 18.09 16.47
N LEU A 442 -4.56 17.98 16.73
CA LEU A 442 -4.09 17.58 18.05
C LEU A 442 -4.57 18.53 19.13
N GLU A 443 -4.95 19.76 18.76
CA GLU A 443 -5.45 20.73 19.72
C GLU A 443 -6.91 21.09 19.47
N ALA A 444 -7.62 20.26 18.70
CA ALA A 444 -9.06 20.46 18.53
C ALA A 444 -9.75 20.39 19.89
N ARG A 445 -10.90 21.09 19.98
CA ARG A 445 -11.63 21.21 21.23
C ARG A 445 -12.65 20.09 21.45
N VAL A 446 -12.97 19.33 20.41
CA VAL A 446 -13.84 18.17 20.54
C VAL A 446 -12.96 16.95 20.81
N LYS A 447 -13.23 16.26 21.92
CA LYS A 447 -12.36 15.15 22.34
C LYS A 447 -12.25 14.11 21.24
N SER A 448 -13.38 13.62 20.73
CA SER A 448 -13.36 12.57 19.72
C SER A 448 -12.45 12.95 18.55
N VAL A 449 -12.60 14.17 18.06
CA VAL A 449 -11.75 14.64 16.96
C VAL A 449 -10.29 14.66 17.41
N ARG A 450 -10.03 15.23 18.59
CA ARG A 450 -8.66 15.33 19.08
C ARG A 450 -8.03 13.95 19.22
N GLU A 451 -8.73 13.02 19.87
CA GLU A 451 -8.15 11.71 20.10
C GLU A 451 -7.97 10.93 18.80
N ALA A 452 -8.85 11.13 17.82
CA ALA A 452 -8.64 10.51 16.51
C ALA A 452 -7.36 11.03 15.88
N ALA A 453 -7.16 12.35 15.93
CA ALA A 453 -5.93 12.93 15.40
C ALA A 453 -4.71 12.39 16.16
N GLU A 454 -4.85 12.15 17.47
CA GLU A 454 -3.75 11.60 18.24
C GLU A 454 -3.36 10.22 17.74
N ARG A 455 -4.34 9.38 17.43
CA ARG A 455 -4.04 8.05 16.92
C ARG A 455 -3.33 8.14 15.57
N MET A 456 -3.75 9.07 14.71
CA MET A 456 -3.05 9.28 13.45
C MET A 456 -1.64 9.80 13.68
N ALA A 457 -1.46 10.63 14.72
CA ALA A 457 -0.18 11.31 14.90
C ALA A 457 0.92 10.33 15.31
N PHE A 458 0.70 9.55 16.36
CA PHE A 458 1.78 8.68 16.81
C PHE A 458 1.87 7.38 16.02
N ASN A 459 0.94 7.12 15.10
CA ASN A 459 1.11 6.00 14.16
C ASN A 459 2.05 6.36 13.02
N MET A 460 2.04 7.62 12.59
CA MET A 460 2.79 8.00 11.40
C MET A 460 4.29 7.77 11.53
N PRO A 461 4.96 8.13 12.63
CA PRO A 461 6.40 7.85 12.71
C PRO A 461 6.73 6.37 12.62
N VAL A 462 5.87 5.50 13.11
CA VAL A 462 6.13 4.07 13.07
C VAL A 462 5.90 3.52 11.67
N GLN A 463 4.68 3.69 11.16
CA GLN A 463 4.40 3.27 9.79
C GLN A 463 5.27 4.02 8.79
N GLY A 464 5.49 5.32 9.02
CA GLY A 464 6.28 6.09 8.09
C GLY A 464 7.73 5.67 8.05
N THR A 465 8.32 5.40 9.22
CA THR A 465 9.70 4.93 9.25
C THR A 465 9.82 3.58 8.53
N ALA A 466 8.86 2.69 8.76
CA ALA A 466 8.88 1.40 8.06
C ALA A 466 8.85 1.61 6.55
N ALA A 467 8.03 2.55 6.08
CA ALA A 467 7.99 2.86 4.66
C ALA A 467 9.31 3.45 4.17
N ASP A 468 9.90 4.35 4.96
CA ASP A 468 11.21 4.90 4.61
C ASP A 468 12.23 3.78 4.43
N LEU A 469 12.28 2.86 5.40
CA LEU A 469 13.25 1.76 5.33
C LEU A 469 13.03 0.92 4.09
N MET A 470 11.77 0.59 3.79
CA MET A 470 11.49 -0.21 2.60
C MET A 470 11.91 0.51 1.34
N LYS A 471 11.51 1.78 1.20
CA LYS A 471 11.87 2.55 0.03
C LYS A 471 13.39 2.57 -0.17
N LEU A 472 14.13 2.86 0.91
CA LEU A 472 15.58 2.91 0.80
C LEU A 472 16.14 1.55 0.39
N ALA A 473 15.56 0.47 0.91
CA ALA A 473 16.01 -0.87 0.54
C ALA A 473 15.78 -1.13 -0.95
N MET A 474 14.63 -0.72 -1.47
CA MET A 474 14.38 -0.85 -2.91
C MET A 474 15.41 -0.07 -3.71
N VAL A 475 15.72 1.15 -3.28
CA VAL A 475 16.72 1.97 -3.97
C VAL A 475 18.05 1.22 -4.03
N LYS A 476 18.51 0.71 -2.89
CA LYS A 476 19.79 0.02 -2.85
C LYS A 476 19.74 -1.31 -3.59
N LEU A 477 18.61 -2.02 -3.51
CA LEU A 477 18.56 -3.37 -4.04
C LEU A 477 18.50 -3.38 -5.56
N PHE A 478 17.79 -2.42 -6.15
CA PHE A 478 17.49 -2.47 -7.59
C PHE A 478 18.73 -2.64 -8.47
N PRO A 479 19.77 -1.82 -8.33
CA PRO A 479 20.95 -2.03 -9.20
C PRO A 479 21.60 -3.39 -9.00
N ARG A 480 21.57 -3.93 -7.78
CA ARG A 480 22.11 -5.27 -7.55
C ARG A 480 21.32 -6.32 -8.31
N LEU A 481 19.99 -6.15 -8.40
CA LEU A 481 19.17 -7.12 -9.11
C LEU A 481 19.45 -7.08 -10.60
N GLU A 482 19.56 -5.88 -11.18
CA GLU A 482 19.82 -5.76 -12.60
C GLU A 482 21.12 -6.46 -12.98
N GLU A 483 22.18 -6.23 -12.21
CA GLU A 483 23.47 -6.83 -12.53
C GLU A 483 23.43 -8.35 -12.43
N MET A 484 22.54 -8.89 -11.61
CA MET A 484 22.34 -10.32 -11.51
C MET A 484 21.29 -10.84 -12.49
N GLY A 485 20.68 -9.96 -13.27
CA GLY A 485 19.65 -10.38 -14.20
C GLY A 485 18.31 -10.68 -13.56
N ALA A 486 18.00 -10.06 -12.43
CA ALA A 486 16.75 -10.29 -11.74
C ALA A 486 15.86 -9.06 -11.87
N ARG A 487 14.59 -9.24 -11.49
CA ARG A 487 13.57 -8.21 -11.62
C ARG A 487 12.91 -7.96 -10.27
N MET A 488 12.53 -6.71 -10.05
CA MET A 488 11.68 -6.34 -8.93
C MET A 488 10.25 -6.19 -9.46
N LEU A 489 9.33 -6.97 -8.91
CA LEU A 489 7.97 -7.01 -9.43
C LEU A 489 6.98 -6.22 -8.58
N LEU A 490 6.91 -6.50 -7.29
CA LEU A 490 5.89 -5.92 -6.43
C LEU A 490 6.49 -5.48 -5.11
N GLN A 491 5.88 -4.46 -4.53
CA GLN A 491 6.12 -4.06 -3.15
C GLN A 491 4.78 -4.06 -2.43
N VAL A 492 4.74 -4.63 -1.24
CA VAL A 492 3.52 -4.59 -0.42
C VAL A 492 3.89 -4.05 0.95
N HIS A 493 4.32 -2.80 0.98
CA HIS A 493 4.61 -2.06 2.21
C HIS A 493 5.86 -2.56 2.93
N ASP A 494 5.84 -3.80 3.42
CA ASP A 494 6.98 -4.36 4.12
C ASP A 494 7.50 -5.63 3.44
N GLU A 495 7.21 -5.81 2.16
N GLU A 495 7.20 -5.79 2.16
CA GLU A 495 7.64 -7.02 1.49
CA GLU A 495 7.49 -7.02 1.44
C GLU A 495 7.84 -6.72 0.01
C GLU A 495 7.87 -6.66 0.00
N LEU A 496 8.68 -7.53 -0.61
CA LEU A 496 8.99 -7.42 -2.03
C LEU A 496 8.81 -8.78 -2.68
N VAL A 497 8.40 -8.77 -3.93
CA VAL A 497 8.37 -9.97 -4.76
C VAL A 497 9.30 -9.73 -5.94
N LEU A 498 10.34 -10.56 -6.05
CA LEU A 498 11.28 -10.49 -7.14
C LEU A 498 11.05 -11.63 -8.10
N GLU A 499 11.66 -11.51 -9.29
CA GLU A 499 11.64 -12.55 -10.30
C GLU A 499 13.07 -12.79 -10.73
N ALA A 500 13.54 -14.03 -10.61
CA ALA A 500 14.91 -14.34 -10.93
C ALA A 500 14.97 -15.59 -11.80
N PRO A 501 15.93 -15.67 -12.72
CA PRO A 501 16.13 -16.94 -13.44
C PRO A 501 16.43 -18.07 -12.46
N LYS A 502 15.97 -19.26 -12.82
CA LYS A 502 16.09 -20.41 -11.91
C LYS A 502 17.52 -20.58 -11.43
N GLU A 503 18.50 -20.45 -12.34
CA GLU A 503 19.90 -20.68 -11.99
C GLU A 503 20.47 -19.63 -11.05
N ARG A 504 19.77 -18.51 -10.84
CA ARG A 504 20.25 -17.45 -9.96
C ARG A 504 19.31 -17.16 -8.80
N ALA A 505 18.15 -17.83 -8.74
CA ALA A 505 17.16 -17.51 -7.72
C ALA A 505 17.75 -17.61 -6.32
N GLU A 506 18.60 -18.60 -6.06
CA GLU A 506 19.15 -18.77 -4.72
C GLU A 506 20.03 -17.58 -4.34
N ALA A 507 20.95 -17.19 -5.22
CA ALA A 507 21.84 -16.07 -4.91
C ALA A 507 21.07 -14.78 -4.77
N VAL A 508 20.05 -14.57 -5.60
CA VAL A 508 19.24 -13.36 -5.50
C VAL A 508 18.57 -13.29 -4.13
N ALA A 509 17.98 -14.41 -3.68
CA ALA A 509 17.29 -14.42 -2.41
C ALA A 509 18.23 -14.04 -1.27
N ARG A 510 19.42 -14.66 -1.24
CA ARG A 510 20.40 -14.34 -0.20
C ARG A 510 20.80 -12.88 -0.28
N LEU A 511 21.05 -12.37 -1.48
CA LEU A 511 21.47 -10.97 -1.64
C LEU A 511 20.36 -10.02 -1.18
N ALA A 512 19.13 -10.25 -1.65
CA ALA A 512 18.03 -9.35 -1.28
C ALA A 512 17.79 -9.36 0.22
N LYS A 513 17.87 -10.54 0.85
CA LYS A 513 17.73 -10.62 2.30
C LYS A 513 18.76 -9.76 3.00
N GLU A 514 20.04 -9.86 2.62
CA GLU A 514 21.07 -9.07 3.28
C GLU A 514 20.83 -7.58 3.10
N VAL A 515 20.51 -7.16 1.87
CA VAL A 515 20.30 -5.75 1.59
C VAL A 515 19.18 -5.20 2.46
N MET A 516 18.04 -5.90 2.48
CA MET A 516 16.90 -5.39 3.23
C MET A 516 17.18 -5.34 4.72
N GLU A 517 17.88 -6.35 5.25
CA GLU A 517 18.15 -6.38 6.69
C GLU A 517 19.17 -5.31 7.08
N GLY A 518 20.15 -5.03 6.22
CA GLY A 518 21.15 -4.02 6.49
C GLY A 518 20.88 -2.66 5.89
N VAL A 519 19.66 -2.41 5.39
CA VAL A 519 19.35 -1.15 4.72
C VAL A 519 19.79 0.03 5.59
N TYR A 520 19.58 -0.06 6.90
CA TYR A 520 19.86 1.04 7.82
C TYR A 520 19.90 0.51 9.24
N PRO A 521 21.09 0.14 9.75
CA PRO A 521 21.15 -0.48 11.09
C PRO A 521 20.45 0.36 12.15
N LEU A 522 19.70 -0.32 12.99
CA LEU A 522 18.97 0.28 14.10
C LEU A 522 19.49 -0.29 15.41
N ALA A 523 18.93 0.21 16.53
CA ALA A 523 19.24 -0.38 17.83
C ALA A 523 18.69 -1.80 17.95
N VAL A 524 17.91 -2.25 16.99
CA VAL A 524 17.34 -3.60 16.97
C VAL A 524 17.65 -4.19 15.60
N PRO A 525 17.91 -5.49 15.48
CA PRO A 525 18.15 -6.07 14.15
C PRO A 525 16.87 -6.21 13.35
N LEU A 526 16.98 -5.94 12.06
CA LEU A 526 15.88 -6.19 11.13
C LEU A 526 16.05 -7.58 10.53
N GLU A 527 15.05 -8.43 10.69
CA GLU A 527 15.06 -9.78 10.17
C GLU A 527 14.08 -9.88 9.01
N VAL A 528 14.50 -10.54 7.93
CA VAL A 528 13.66 -10.70 6.75
C VAL A 528 13.44 -12.19 6.52
N GLU A 529 12.18 -12.56 6.29
CA GLU A 529 11.83 -13.92 5.89
C GLU A 529 11.76 -13.99 4.38
N VAL A 530 12.35 -15.04 3.81
CA VAL A 530 12.50 -15.16 2.37
C VAL A 530 12.12 -16.57 1.93
N GLY A 531 11.44 -16.67 0.80
CA GLY A 531 11.10 -17.95 0.22
C GLY A 531 11.12 -17.86 -1.29
N ILE A 532 11.26 -19.04 -1.92
CA ILE A 532 11.34 -19.15 -3.37
C ILE A 532 10.30 -20.15 -3.85
N GLY A 533 9.65 -19.84 -4.96
CA GLY A 533 8.63 -20.73 -5.49
C GLY A 533 8.20 -20.29 -6.87
N GLU A 534 7.44 -21.17 -7.52
CA GLU A 534 6.89 -20.88 -8.84
C GLU A 534 5.73 -19.91 -8.78
N ASP A 535 5.08 -19.76 -7.62
CA ASP A 535 3.93 -18.87 -7.49
C ASP A 535 4.08 -18.06 -6.21
N TRP A 536 3.23 -17.02 -6.10
CA TRP A 536 3.34 -16.08 -4.99
C TRP A 536 3.09 -16.78 -3.65
N LEU A 537 2.15 -17.72 -3.62
CA LEU A 537 1.84 -18.40 -2.36
C LEU A 537 2.99 -19.28 -1.90
N SER A 538 3.48 -20.16 -2.79
CA SER A 538 4.53 -21.09 -2.38
C SER A 538 5.82 -20.35 -2.05
N ALA A 539 6.06 -19.21 -2.68
CA ALA A 539 7.26 -18.43 -2.39
C ALA A 539 7.22 -17.77 -1.02
N LYS A 540 6.03 -17.62 -0.43
CA LYS A 540 5.88 -17.00 0.88
C LYS A 540 5.55 -18.02 1.96
N GLU A 541 5.79 -19.30 1.70
CA GLU A 541 5.48 -20.36 2.65
C GLU A 541 5.84 -21.72 2.08
#